data_5F5S
#
_entry.id   5F5S
#
_cell.length_a   66.790
_cell.length_b   66.790
_cell.length_c   242.540
_cell.angle_alpha   90.000
_cell.angle_beta   90.000
_cell.angle_gamma   120.000
#
_symmetry.space_group_name_H-M   'P 61 2 2'
#
loop_
_entity.id
_entity.type
_entity.pdbx_description
1 polymer 'Pre-mRNA-splicing factor 38A'
2 polymer 'Microfibrillar-associated protein 1'
3 water water
#
loop_
_entity_poly.entity_id
_entity_poly.type
_entity_poly.pdbx_seq_one_letter_code
_entity_poly.pdbx_strand_id
1 'polypeptide(L)'
;GAMANRTVKDAHSIHGTNPQYLVEKIIRTRIYESKYWKEECFGLTAELVVDKAMELRFVGGVYGGNIKPTPFLCLTLKML
QIQPEKDIIVEFIKNEDFKYVRMLGALYMRLTGTAIDCYKYLEPLYNDYRKIKSQNRNGEFELMHVDEFIDELLHSERVC
DIILPRLQKRYVLEEAEQLEP
;
A
2 'polypeptide(L)' GATDDENDEEEYEAWKVRELKRIKRDREDREALEKEKAEIERMRNLTEEERRAELRANGKVITNKAVKGKYKFLQKYYHR B
#
# COMPACT_ATOMS: atom_id res chain seq x y z
N ALA A 2 -11.13 21.46 15.74
CA ALA A 2 -10.20 21.61 14.60
C ALA A 2 -8.79 21.22 15.04
N MET A 3 -8.44 21.57 16.27
CA MET A 3 -7.12 21.24 16.82
C MET A 3 -6.95 19.74 17.02
N ALA A 4 -8.01 19.09 17.47
CA ALA A 4 -8.04 17.63 17.64
C ALA A 4 -7.93 16.88 16.31
N ASN A 5 -8.12 17.60 15.20
CA ASN A 5 -7.96 17.04 13.86
C ASN A 5 -6.60 17.31 13.22
N ARG A 6 -5.78 18.13 13.87
CA ARG A 6 -4.44 18.43 13.36
C ARG A 6 -3.45 17.28 13.59
N THR A 7 -2.48 17.16 12.69
CA THR A 7 -1.40 16.18 12.79
C THR A 7 -0.55 16.46 14.03
N VAL A 8 -0.29 15.40 14.79
CA VAL A 8 0.34 15.52 16.12
C VAL A 8 1.67 16.26 16.11
N LYS A 9 1.91 17.05 17.17
CA LYS A 9 3.09 17.92 17.29
C LYS A 9 4.43 17.25 16.98
N ASP A 10 4.58 16.00 17.41
CA ASP A 10 5.85 15.27 17.26
C ASP A 10 6.07 14.71 15.86
N ALA A 11 5.06 14.79 15.00
CA ALA A 11 5.12 14.11 13.70
C ALA A 11 6.07 14.77 12.72
N HIS A 12 6.81 13.95 11.97
CA HIS A 12 7.65 14.43 10.89
C HIS A 12 6.92 14.33 9.55
N SER A 13 7.53 14.84 8.49
CA SER A 13 6.88 14.85 7.18
C SER A 13 7.00 13.48 6.51
N ILE A 14 6.00 13.15 5.69
CA ILE A 14 6.01 11.92 4.91
C ILE A 14 5.88 12.32 3.45
N HIS A 15 6.73 11.72 2.61
CA HIS A 15 6.80 12.04 1.18
C HIS A 15 6.78 13.56 0.95
N GLY A 16 7.62 14.25 1.71
CA GLY A 16 7.80 15.70 1.58
C GLY A 16 6.70 16.58 2.14
N THR A 17 5.62 15.98 2.65
CA THR A 17 4.46 16.76 3.11
C THR A 17 3.87 16.28 4.46
N ASN A 18 2.89 17.02 4.97
CA ASN A 18 2.07 16.62 6.10
C ASN A 18 1.38 15.30 5.72
N PRO A 19 1.55 14.24 6.54
CA PRO A 19 1.05 12.89 6.23
C PRO A 19 -0.45 12.85 5.88
N GLN A 20 -1.24 13.71 6.53
CA GLN A 20 -2.65 13.79 6.21
C GLN A 20 -2.92 14.28 4.78
N TYR A 21 -2.05 15.16 4.26
CA TYR A 21 -2.20 15.69 2.89
C TYR A 21 -1.98 14.64 1.81
N LEU A 22 -1.64 13.41 2.20
CA LEU A 22 -1.62 12.31 1.23
C LEU A 22 -3.04 11.92 0.82
N VAL A 23 -4.01 12.42 1.59
CA VAL A 23 -5.43 12.23 1.33
C VAL A 23 -5.98 13.56 0.79
N GLU A 24 -6.81 13.48 -0.25
CA GLU A 24 -7.39 14.67 -0.89
C GLU A 24 -8.10 15.60 0.09
N LYS A 25 -7.93 16.91 -0.12
CA LYS A 25 -8.52 17.95 0.73
C LYS A 25 -10.00 17.74 1.04
N ILE A 26 -10.80 17.51 0.00
CA ILE A 26 -12.24 17.30 0.18
C ILE A 26 -12.57 15.97 0.85
N ILE A 27 -11.70 14.98 0.67
CA ILE A 27 -11.88 13.69 1.33
C ILE A 27 -11.66 13.87 2.83
N ARG A 28 -10.56 14.53 3.20
CA ARG A 28 -10.30 14.88 4.61
C ARG A 28 -11.50 15.58 5.23
N THR A 29 -11.98 16.62 4.54
CA THR A 29 -13.10 17.42 5.00
C THR A 29 -14.35 16.57 5.24
N ARG A 30 -14.62 15.64 4.33
CA ARG A 30 -15.75 14.72 4.50
C ARG A 30 -15.54 13.73 5.66
N ILE A 31 -14.28 13.43 5.95
CA ILE A 31 -13.94 12.55 7.07
C ILE A 31 -14.18 13.28 8.40
N TYR A 32 -13.59 14.47 8.54
CA TYR A 32 -13.77 15.27 9.75
C TYR A 32 -15.24 15.50 10.07
N GLU A 33 -16.05 15.63 9.03
CA GLU A 33 -17.49 15.85 9.18
C GLU A 33 -18.26 14.59 9.55
N SER A 34 -17.71 13.42 9.26
CA SER A 34 -18.46 12.17 9.37
C SER A 34 -18.84 11.75 10.79
N LYS A 35 -19.96 11.05 10.87
CA LYS A 35 -20.46 10.49 12.12
C LYS A 35 -19.40 9.60 12.75
N TYR A 36 -18.85 8.67 11.96
CA TYR A 36 -17.85 7.75 12.45
C TYR A 36 -16.62 8.46 13.02
N TRP A 37 -16.16 9.52 12.36
CA TRP A 37 -14.97 10.23 12.84
C TRP A 37 -15.28 11.00 14.12
N LYS A 38 -16.41 11.67 14.14
CA LYS A 38 -16.80 12.49 15.28
C LYS A 38 -17.09 11.69 16.55
N GLU A 39 -17.51 10.44 16.35
CA GLU A 39 -17.87 9.58 17.47
C GLU A 39 -16.79 8.55 17.81
N GLU A 40 -16.14 8.00 16.79
CA GLU A 40 -15.22 6.88 16.96
C GLU A 40 -13.75 7.23 16.82
N CYS A 41 -13.45 8.44 16.34
CA CYS A 41 -12.05 8.84 16.12
C CYS A 41 -11.65 10.06 16.95
N PHE A 42 -12.34 10.28 18.06
CA PHE A 42 -11.95 11.34 18.98
C PHE A 42 -10.82 10.87 19.90
N GLY A 43 -9.62 11.38 19.66
CA GLY A 43 -8.43 10.97 20.41
C GLY A 43 -7.22 10.80 19.51
N LEU A 44 -6.04 10.98 20.10
CA LEU A 44 -4.78 11.02 19.37
C LEU A 44 -3.86 9.84 19.67
N THR A 45 -4.44 8.71 20.06
CA THR A 45 -3.64 7.59 20.56
C THR A 45 -3.65 6.37 19.64
N ALA A 46 -2.50 5.69 19.54
CA ALA A 46 -2.40 4.48 18.74
C ALA A 46 -3.32 3.37 19.25
N GLU A 47 -3.56 3.33 20.56
CA GLU A 47 -4.46 2.32 21.14
C GLU A 47 -5.88 2.47 20.61
N LEU A 48 -6.33 3.72 20.48
CA LEU A 48 -7.61 4.02 19.85
C LEU A 48 -7.68 3.26 18.53
N VAL A 49 -6.63 3.39 17.72
CA VAL A 49 -6.58 2.74 16.40
C VAL A 49 -6.70 1.23 16.53
N VAL A 50 -5.95 0.64 17.48
CA VAL A 50 -6.08 -0.79 17.76
C VAL A 50 -7.55 -1.18 18.01
N ASP A 51 -8.19 -0.50 18.96
CA ASP A 51 -9.56 -0.83 19.37
C ASP A 51 -10.57 -0.71 18.24
N LYS A 52 -10.51 0.40 17.50
CA LYS A 52 -11.42 0.61 16.37
C LYS A 52 -11.12 -0.30 15.17
N ALA A 53 -9.84 -0.59 14.94
CA ALA A 53 -9.43 -1.44 13.83
C ALA A 53 -9.99 -2.86 13.96
N MET A 54 -9.95 -3.39 15.18
CA MET A 54 -10.56 -4.69 15.47
C MET A 54 -12.07 -4.73 15.21
N GLU A 55 -12.68 -3.56 15.16
CA GLU A 55 -14.13 -3.47 14.89
C GLU A 55 -14.45 -3.26 13.39
N LEU A 56 -13.41 -3.18 12.56
CA LEU A 56 -13.62 -3.04 11.10
C LEU A 56 -14.22 -4.29 10.48
N ARG A 57 -15.25 -4.10 9.66
CA ARG A 57 -15.94 -5.22 9.01
C ARG A 57 -15.70 -5.27 7.50
N PHE A 58 -15.16 -4.19 6.94
CA PHE A 58 -14.91 -4.12 5.49
C PHE A 58 -13.85 -3.11 5.13
N VAL A 59 -13.27 -3.27 3.94
CA VAL A 59 -12.38 -2.27 3.35
C VAL A 59 -13.16 -1.36 2.40
N GLY A 60 -12.61 -0.16 2.15
CA GLY A 60 -13.22 0.78 1.23
C GLY A 60 -12.63 2.18 1.32
N GLY A 61 -13.04 3.05 0.42
CA GLY A 61 -12.62 4.44 0.47
C GLY A 61 -13.80 5.33 0.76
N VAL A 62 -14.25 6.04 -0.27
CA VAL A 62 -15.47 6.82 -0.19
C VAL A 62 -16.55 6.15 -1.04
N TYR A 63 -17.81 6.49 -0.78
CA TYR A 63 -18.92 5.96 -1.55
C TYR A 63 -19.97 7.03 -1.73
N GLY A 64 -20.75 6.93 -2.82
CA GLY A 64 -21.83 7.86 -3.10
C GLY A 64 -21.41 9.19 -3.68
N GLY A 65 -22.34 9.85 -4.37
CA GLY A 65 -22.10 11.16 -4.95
C GLY A 65 -22.02 12.27 -3.92
N ASN A 66 -22.17 11.89 -2.66
CA ASN A 66 -21.93 12.80 -1.53
C ASN A 66 -20.54 12.60 -0.94
N ILE A 67 -19.83 11.58 -1.43
CA ILE A 67 -18.44 11.25 -1.02
C ILE A 67 -18.32 10.93 0.48
N LYS A 68 -19.05 9.91 0.92
CA LYS A 68 -19.01 9.48 2.33
C LYS A 68 -17.85 8.54 2.60
N PRO A 69 -17.08 8.80 3.67
CA PRO A 69 -15.98 7.89 4.02
C PRO A 69 -16.45 6.60 4.69
N THR A 70 -15.73 5.51 4.42
CA THR A 70 -15.88 4.27 5.15
C THR A 70 -15.04 4.35 6.44
N PRO A 71 -15.38 3.53 7.48
CA PRO A 71 -14.55 3.48 8.69
C PRO A 71 -13.07 3.23 8.39
N PHE A 72 -12.82 2.25 7.53
CA PHE A 72 -11.49 1.95 7.03
C PHE A 72 -10.68 3.20 6.64
N LEU A 73 -11.29 4.11 5.89
CA LEU A 73 -10.57 5.32 5.42
C LEU A 73 -10.36 6.31 6.55
N CYS A 74 -11.34 6.39 7.45
CA CYS A 74 -11.26 7.26 8.62
C CYS A 74 -10.10 6.84 9.52
N LEU A 75 -9.96 5.54 9.74
CA LEU A 75 -8.87 5.05 10.58
C LEU A 75 -7.53 5.29 9.92
N THR A 76 -7.47 5.08 8.60
CA THR A 76 -6.27 5.41 7.81
C THR A 76 -5.84 6.87 7.98
N LEU A 77 -6.79 7.80 7.91
CA LEU A 77 -6.44 9.22 8.10
C LEU A 77 -5.92 9.43 9.52
N LYS A 78 -6.66 8.88 10.49
CA LYS A 78 -6.25 8.93 11.90
C LYS A 78 -4.81 8.48 12.06
N MET A 79 -4.46 7.39 11.39
CA MET A 79 -3.09 6.87 11.43
C MET A 79 -2.08 7.85 10.83
N LEU A 80 -2.42 8.48 9.71
CA LEU A 80 -1.56 9.51 9.14
C LEU A 80 -1.36 10.65 10.15
N GLN A 81 -2.46 11.07 10.77
CA GLN A 81 -2.47 12.17 11.74
C GLN A 81 -1.58 11.93 12.96
N ILE A 82 -1.62 10.71 13.51
CA ILE A 82 -0.87 10.41 14.75
C ILE A 82 0.48 9.73 14.53
N GLN A 83 0.71 9.22 13.32
CA GLN A 83 1.99 8.65 12.91
C GLN A 83 2.49 7.62 13.94
N PRO A 84 1.81 6.46 14.00
CA PRO A 84 2.27 5.48 14.98
C PRO A 84 3.62 4.88 14.56
N GLU A 85 4.35 4.33 15.53
CA GLU A 85 5.68 3.79 15.27
C GLU A 85 5.66 2.52 14.44
N LYS A 86 6.75 2.30 13.69
CA LYS A 86 6.86 1.16 12.77
C LYS A 86 6.46 -0.18 13.42
N ASP A 87 6.93 -0.40 14.65
CA ASP A 87 6.57 -1.61 15.42
C ASP A 87 5.08 -1.97 15.37
N ILE A 88 4.21 -0.99 15.65
CA ILE A 88 2.75 -1.23 15.66
C ILE A 88 2.25 -1.59 14.28
N ILE A 89 2.77 -0.91 13.26
CA ILE A 89 2.32 -1.11 11.86
C ILE A 89 2.68 -2.53 11.43
N VAL A 90 3.92 -2.91 11.72
CA VAL A 90 4.44 -4.25 11.46
C VAL A 90 3.64 -5.31 12.24
N GLU A 91 3.31 -5.02 13.49
CA GLU A 91 2.43 -5.89 14.26
C GLU A 91 1.06 -6.04 13.57
N PHE A 92 0.49 -4.91 13.13
CA PHE A 92 -0.78 -4.91 12.40
C PHE A 92 -0.66 -5.88 11.25
N ILE A 93 0.42 -5.74 10.48
CA ILE A 93 0.67 -6.53 9.27
C ILE A 93 0.87 -8.01 9.58
N LYS A 94 1.73 -8.30 10.55
CA LYS A 94 2.09 -9.67 10.90
C LYS A 94 0.95 -10.46 11.55
N ASN A 95 0.02 -9.75 12.20
CA ASN A 95 -1.09 -10.40 12.92
C ASN A 95 -1.92 -11.29 11.99
N GLU A 96 -2.26 -12.48 12.49
CA GLU A 96 -2.89 -13.51 11.68
C GLU A 96 -4.38 -13.62 11.98
N ASP A 97 -4.81 -12.98 13.06
CA ASP A 97 -6.17 -13.14 13.56
C ASP A 97 -7.17 -12.18 12.91
N PHE A 98 -6.76 -10.94 12.72
CA PHE A 98 -7.66 -9.90 12.23
C PHE A 98 -7.23 -9.44 10.83
N LYS A 99 -7.99 -9.85 9.82
CA LYS A 99 -7.60 -9.57 8.43
C LYS A 99 -7.69 -8.08 8.08
N TYR A 100 -8.73 -7.43 8.57
CA TYR A 100 -8.93 -6.00 8.36
C TYR A 100 -7.88 -5.14 9.06
N VAL A 101 -7.42 -5.57 10.25
CA VAL A 101 -6.29 -4.92 10.92
C VAL A 101 -5.05 -5.05 10.02
N ARG A 102 -4.86 -6.25 9.47
CA ARG A 102 -3.71 -6.56 8.65
C ARG A 102 -3.69 -5.64 7.43
N MET A 103 -4.83 -5.54 6.76
CA MET A 103 -4.95 -4.68 5.59
C MET A 103 -4.82 -3.18 5.90
N LEU A 104 -5.33 -2.79 7.06
CA LEU A 104 -5.20 -1.41 7.52
C LEU A 104 -3.71 -1.05 7.71
N GLY A 105 -2.98 -1.91 8.39
CA GLY A 105 -1.54 -1.75 8.54
C GLY A 105 -0.82 -1.73 7.20
N ALA A 106 -1.30 -2.56 6.25
CA ALA A 106 -0.68 -2.69 4.93
C ALA A 106 -0.81 -1.40 4.11
N LEU A 107 -2.04 -0.88 4.03
CA LEU A 107 -2.28 0.38 3.33
C LEU A 107 -1.42 1.48 3.93
N TYR A 108 -1.39 1.57 5.26
CA TYR A 108 -0.60 2.59 5.92
C TYR A 108 0.90 2.44 5.60
N MET A 109 1.38 1.20 5.57
CA MET A 109 2.76 0.91 5.20
C MET A 109 3.04 1.34 3.75
N ARG A 110 2.10 1.06 2.86
CA ARG A 110 2.21 1.42 1.46
C ARG A 110 2.27 2.95 1.28
N LEU A 111 1.48 3.65 2.09
CA LEU A 111 1.39 5.10 2.02
C LEU A 111 2.63 5.81 2.59
N THR A 112 3.18 5.26 3.67
CA THR A 112 4.19 5.99 4.44
C THR A 112 5.56 5.34 4.58
N GLY A 113 5.69 4.09 4.15
CA GLY A 113 6.94 3.34 4.36
C GLY A 113 7.98 3.52 3.27
N THR A 114 9.20 3.06 3.52
CA THR A 114 10.25 3.05 2.51
C THR A 114 9.95 1.96 1.50
N ALA A 115 10.39 2.16 0.26
CA ALA A 115 10.26 1.16 -0.80
C ALA A 115 10.59 -0.26 -0.30
N ILE A 116 11.74 -0.39 0.37
CA ILE A 116 12.19 -1.66 0.95
C ILE A 116 11.11 -2.26 1.86
N ASP A 117 10.67 -1.47 2.85
CA ASP A 117 9.68 -1.93 3.83
C ASP A 117 8.36 -2.33 3.19
N CYS A 118 7.98 -1.63 2.11
CA CYS A 118 6.79 -2.00 1.36
C CYS A 118 6.86 -3.42 0.83
N TYR A 119 7.96 -3.76 0.19
CA TYR A 119 8.11 -5.10 -0.39
C TYR A 119 8.29 -6.13 0.69
N LYS A 120 9.17 -5.83 1.64
CA LYS A 120 9.45 -6.70 2.78
C LYS A 120 8.17 -7.14 3.51
N TYR A 121 7.27 -6.19 3.77
CA TYR A 121 6.14 -6.47 4.64
C TYR A 121 4.82 -6.76 3.92
N LEU A 122 4.68 -6.29 2.68
CA LEU A 122 3.44 -6.52 1.94
C LEU A 122 3.49 -7.79 1.09
N GLU A 123 4.68 -8.08 0.55
CA GLU A 123 4.82 -9.22 -0.37
C GLU A 123 4.45 -10.60 0.24
N PRO A 124 4.90 -10.91 1.48
CA PRO A 124 4.51 -12.20 2.09
C PRO A 124 2.99 -12.34 2.23
N LEU A 125 2.28 -11.22 2.25
CA LEU A 125 0.83 -11.24 2.39
C LEU A 125 0.12 -11.75 1.13
N TYR A 126 0.89 -11.97 0.05
CA TYR A 126 0.35 -12.64 -1.13
C TYR A 126 -0.15 -14.06 -0.86
N ASN A 127 0.36 -14.69 0.21
CA ASN A 127 -0.10 -16.02 0.63
C ASN A 127 -1.49 -16.02 1.25
N ASP A 128 -1.91 -14.86 1.72
CA ASP A 128 -3.17 -14.69 2.44
C ASP A 128 -4.35 -14.54 1.47
N TYR A 129 -5.09 -15.62 1.26
CA TYR A 129 -6.21 -15.65 0.31
C TYR A 129 -7.61 -15.61 0.94
N ARG A 130 -7.69 -15.23 2.21
CA ARG A 130 -8.97 -15.12 2.90
C ARG A 130 -9.89 -14.10 2.24
N LYS A 131 -11.19 -14.44 2.23
CA LYS A 131 -12.24 -13.59 1.68
C LYS A 131 -12.37 -12.31 2.50
N ILE A 132 -12.58 -11.19 1.81
CA ILE A 132 -12.79 -9.91 2.49
C ILE A 132 -13.95 -9.14 1.87
N LYS A 133 -14.59 -8.32 2.70
CA LYS A 133 -15.71 -7.49 2.31
C LYS A 133 -15.17 -6.15 1.81
N SER A 134 -15.66 -5.71 0.66
CA SER A 134 -15.18 -4.47 0.05
C SER A 134 -16.34 -3.59 -0.37
N GLN A 135 -16.35 -2.34 0.07
CA GLN A 135 -17.38 -1.39 -0.37
C GLN A 135 -16.88 -0.51 -1.51
N ASN A 136 -17.46 -0.71 -2.70
CA ASN A 136 -17.06 0.07 -3.87
C ASN A 136 -17.58 1.51 -3.88
N ARG A 137 -17.14 2.28 -4.88
CA ARG A 137 -17.46 3.69 -5.01
C ARG A 137 -18.96 3.99 -4.93
N ASN A 138 -19.79 3.05 -5.42
CA ASN A 138 -21.24 3.20 -5.44
C ASN A 138 -21.89 3.00 -4.07
N GLY A 139 -21.22 2.23 -3.20
CA GLY A 139 -21.78 1.84 -1.91
C GLY A 139 -22.14 0.37 -1.90
N GLU A 140 -21.94 -0.29 -3.05
CA GLU A 140 -22.19 -1.71 -3.19
C GLU A 140 -21.09 -2.53 -2.52
N PHE A 141 -21.48 -3.62 -1.86
CA PHE A 141 -20.53 -4.54 -1.24
C PHE A 141 -20.10 -5.64 -2.20
N GLU A 142 -18.81 -5.83 -2.32
CA GLU A 142 -18.23 -6.86 -3.19
C GLU A 142 -17.33 -7.79 -2.39
N LEU A 143 -17.33 -9.07 -2.78
CA LEU A 143 -16.39 -10.05 -2.26
C LEU A 143 -15.01 -9.81 -2.89
N MET A 144 -13.98 -9.92 -2.07
CA MET A 144 -12.60 -9.74 -2.52
C MET A 144 -11.72 -10.73 -1.75
N HIS A 145 -10.42 -10.74 -2.05
CA HIS A 145 -9.47 -11.58 -1.31
C HIS A 145 -8.26 -10.75 -0.89
N VAL A 146 -7.71 -11.06 0.29
CA VAL A 146 -6.57 -10.30 0.84
C VAL A 146 -5.46 -10.06 -0.19
N ASP A 147 -4.98 -11.13 -0.83
CA ASP A 147 -3.89 -11.03 -1.80
C ASP A 147 -4.18 -10.09 -2.98
N GLU A 148 -5.45 -9.99 -3.36
CA GLU A 148 -5.88 -9.05 -4.41
C GLU A 148 -5.75 -7.60 -3.95
N PHE A 149 -6.06 -7.37 -2.68
CA PHE A 149 -5.88 -6.06 -2.06
C PHE A 149 -4.39 -5.72 -2.02
N ILE A 150 -3.57 -6.70 -1.67
CA ILE A 150 -2.12 -6.54 -1.60
C ILE A 150 -1.55 -6.21 -2.98
N ASP A 151 -2.07 -6.91 -4.00
CA ASP A 151 -1.69 -6.68 -5.39
C ASP A 151 -2.05 -5.27 -5.84
N GLU A 152 -3.25 -4.84 -5.48
CA GLU A 152 -3.70 -3.46 -5.73
C GLU A 152 -2.80 -2.44 -5.03
N LEU A 153 -2.40 -2.73 -3.80
CA LEU A 153 -1.48 -1.85 -3.07
C LEU A 153 -0.15 -1.71 -3.80
N LEU A 154 0.32 -2.80 -4.39
CA LEU A 154 1.65 -2.79 -5.01
C LEU A 154 1.67 -2.43 -6.51
N HIS A 155 0.53 -2.44 -7.18
CA HIS A 155 0.48 -2.20 -8.64
C HIS A 155 -0.60 -1.21 -9.12
N SER A 156 -1.31 -0.57 -8.20
CA SER A 156 -2.33 0.41 -8.59
C SER A 156 -1.91 1.84 -8.29
N GLU A 157 -2.55 2.79 -8.97
CA GLU A 157 -2.29 4.21 -8.75
C GLU A 157 -3.07 4.70 -7.54
N ARG A 158 -4.26 4.15 -7.37
CA ARG A 158 -5.19 4.59 -6.34
C ARG A 158 -5.80 3.38 -5.63
N VAL A 159 -5.77 3.40 -4.29
CA VAL A 159 -6.48 2.39 -3.49
C VAL A 159 -7.23 3.12 -2.39
N CYS A 160 -8.46 2.66 -2.11
CA CYS A 160 -9.34 3.28 -1.13
C CYS A 160 -9.46 4.80 -1.29
N ASP A 161 -9.47 5.24 -2.55
CA ASP A 161 -9.58 6.65 -2.92
C ASP A 161 -8.45 7.55 -2.39
N ILE A 162 -7.30 6.93 -2.18
CA ILE A 162 -6.07 7.67 -1.92
C ILE A 162 -5.13 7.38 -3.09
N ILE A 163 -4.52 8.43 -3.63
CA ILE A 163 -3.49 8.27 -4.64
C ILE A 163 -2.22 7.79 -3.95
N LEU A 164 -1.77 6.60 -4.34
CA LEU A 164 -0.60 5.97 -3.76
C LEU A 164 0.68 6.68 -4.19
N PRO A 165 1.52 7.07 -3.21
CA PRO A 165 2.82 7.68 -3.53
C PRO A 165 3.65 6.75 -4.41
N ARG A 166 4.37 7.33 -5.36
CA ARG A 166 5.13 6.56 -6.34
C ARG A 166 6.07 5.59 -5.64
N LEU A 167 6.05 4.34 -6.09
CA LEU A 167 6.88 3.27 -5.52
C LEU A 167 7.75 2.61 -6.58
N GLN A 168 9.07 2.63 -6.36
CA GLN A 168 10.05 2.02 -7.25
C GLN A 168 9.77 0.54 -7.44
N LYS A 169 10.00 0.03 -8.65
CA LYS A 169 9.85 -1.40 -8.91
C LYS A 169 10.97 -2.18 -8.21
N ARG A 170 10.62 -3.36 -7.69
CA ARG A 170 11.54 -4.12 -6.85
C ARG A 170 12.89 -4.36 -7.52
N TYR A 171 12.85 -4.78 -8.78
CA TYR A 171 14.05 -5.02 -9.58
C TYR A 171 15.04 -3.83 -9.55
N VAL A 172 14.51 -2.61 -9.57
CA VAL A 172 15.36 -1.40 -9.50
C VAL A 172 16.00 -1.25 -8.11
N LEU A 173 15.23 -1.51 -7.05
CA LEU A 173 15.73 -1.46 -5.68
C LEU A 173 16.75 -2.57 -5.39
N GLU A 174 16.59 -3.70 -6.08
CA GLU A 174 17.53 -4.81 -5.98
C GLU A 174 18.83 -4.51 -6.72
N GLU A 175 18.71 -3.96 -7.94
CA GLU A 175 19.88 -3.51 -8.70
C GLU A 175 20.62 -2.37 -7.99
N ALA A 176 19.90 -1.62 -7.16
CA ALA A 176 20.49 -0.60 -6.30
C ALA A 176 21.23 -1.21 -5.09
N GLU A 177 20.81 -2.40 -4.67
CA GLU A 177 21.41 -3.09 -3.52
C GLU A 177 22.90 -3.35 -3.75
N GLN A 178 23.68 -3.32 -2.67
CA GLN A 178 25.12 -3.57 -2.74
C GLN A 178 25.40 -5.06 -2.88
N GLU B 6 -12.50 -28.95 2.75
CA GLU B 6 -13.43 -29.45 1.70
C GLU B 6 -13.55 -28.47 0.51
N ASN B 7 -14.68 -27.76 0.41
CA ASN B 7 -14.93 -26.82 -0.69
C ASN B 7 -13.94 -25.66 -0.79
N ASP B 8 -13.39 -25.25 0.36
CA ASP B 8 -12.35 -24.20 0.41
C ASP B 8 -11.03 -24.64 -0.21
N GLU B 9 -10.91 -25.93 -0.53
CA GLU B 9 -9.80 -26.45 -1.33
C GLU B 9 -9.80 -25.74 -2.69
N GLU B 10 -10.99 -25.47 -3.21
CA GLU B 10 -11.16 -24.73 -4.46
C GLU B 10 -10.86 -23.24 -4.28
N GLU B 11 -10.91 -22.77 -3.02
CA GLU B 11 -10.51 -21.42 -2.67
C GLU B 11 -8.99 -21.30 -2.78
N TYR B 12 -8.31 -22.36 -2.33
CA TYR B 12 -6.85 -22.48 -2.49
C TYR B 12 -6.47 -22.61 -3.97
N GLU B 13 -7.29 -23.33 -4.73
CA GLU B 13 -7.10 -23.45 -6.18
C GLU B 13 -7.28 -22.11 -6.89
N ALA B 14 -8.33 -21.38 -6.51
CA ALA B 14 -8.59 -20.04 -7.04
C ALA B 14 -7.45 -19.07 -6.73
N TRP B 15 -6.82 -19.22 -5.55
CA TRP B 15 -5.65 -18.42 -5.19
C TRP B 15 -4.42 -18.75 -6.06
N LYS B 16 -4.09 -20.04 -6.15
CA LYS B 16 -3.03 -20.53 -7.04
C LYS B 16 -3.06 -19.81 -8.39
N VAL B 17 -4.21 -19.86 -9.04
CA VAL B 17 -4.41 -19.23 -10.36
C VAL B 17 -4.09 -17.73 -10.32
N ARG B 18 -4.62 -17.05 -9.30
CA ARG B 18 -4.38 -15.62 -9.11
C ARG B 18 -2.89 -15.34 -8.98
N GLU B 19 -2.21 -16.18 -8.18
CA GLU B 19 -0.79 -16.04 -7.91
C GLU B 19 0.04 -16.31 -9.17
N LEU B 20 -0.40 -17.26 -9.98
CA LEU B 20 0.29 -17.58 -11.23
C LEU B 20 0.17 -16.46 -12.26
N LYS B 21 -1.01 -15.85 -12.34
CA LYS B 21 -1.21 -14.66 -13.17
C LYS B 21 -0.25 -13.55 -12.73
N ARG B 22 -0.20 -13.36 -11.41
CA ARG B 22 0.68 -12.38 -10.78
C ARG B 22 2.15 -12.65 -11.09
N ILE B 23 2.56 -13.92 -11.02
CA ILE B 23 3.94 -14.35 -11.31
C ILE B 23 4.30 -14.10 -12.77
N LYS B 24 3.44 -14.54 -13.68
CA LYS B 24 3.61 -14.31 -15.12
C LYS B 24 3.80 -12.81 -15.44
N ARG B 25 2.90 -11.98 -14.89
CA ARG B 25 2.98 -10.53 -15.09
C ARG B 25 4.29 -9.94 -14.56
N ASP B 26 4.64 -10.29 -13.31
CA ASP B 26 5.86 -9.78 -12.68
C ASP B 26 7.12 -10.27 -13.38
N ARG B 27 7.07 -11.50 -13.88
CA ARG B 27 8.18 -12.10 -14.62
C ARG B 27 8.42 -11.38 -15.94
N GLU B 28 7.34 -11.06 -16.65
CA GLU B 28 7.42 -10.32 -17.91
C GLU B 28 7.98 -8.91 -17.74
N ASP B 29 7.51 -8.21 -16.70
CA ASP B 29 8.03 -6.88 -16.37
C ASP B 29 9.52 -6.95 -16.04
N ARG B 30 9.87 -7.93 -15.23
CA ARG B 30 11.24 -8.16 -14.80
C ARG B 30 12.20 -8.44 -15.97
N GLU B 31 11.74 -9.27 -16.91
CA GLU B 31 12.53 -9.59 -18.10
C GLU B 31 12.70 -8.37 -19.00
N ALA B 32 11.61 -7.63 -19.19
CA ALA B 32 11.64 -6.40 -19.98
C ALA B 32 12.67 -5.42 -19.46
N LEU B 33 12.77 -5.30 -18.13
CA LEU B 33 13.74 -4.38 -17.53
C LEU B 33 15.15 -4.96 -17.51
N GLU B 34 15.25 -6.29 -17.42
CA GLU B 34 16.51 -7.00 -17.56
C GLU B 34 17.12 -6.72 -18.93
N LYS B 35 16.31 -6.92 -19.96
CA LYS B 35 16.69 -6.69 -21.35
C LYS B 35 17.15 -5.24 -21.59
N GLU B 36 16.41 -4.27 -21.05
CA GLU B 36 16.83 -2.85 -21.11
C GLU B 36 18.21 -2.63 -20.51
N LYS B 37 18.38 -3.00 -19.23
CA LYS B 37 19.66 -2.86 -18.53
C LYS B 37 20.83 -3.52 -19.25
N ALA B 38 20.56 -4.70 -19.82
CA ALA B 38 21.56 -5.43 -20.62
C ALA B 38 21.97 -4.59 -21.84
N GLU B 39 20.99 -4.00 -22.50
CA GLU B 39 21.24 -3.15 -23.67
C GLU B 39 22.09 -1.92 -23.32
N ILE B 40 21.68 -1.20 -22.28
CA ILE B 40 22.46 -0.07 -21.79
C ILE B 40 23.90 -0.48 -21.56
N GLU B 41 24.08 -1.51 -20.74
CA GLU B 41 25.40 -2.01 -20.41
C GLU B 41 26.23 -2.43 -21.62
N ARG B 42 25.60 -3.11 -22.57
CA ARG B 42 26.25 -3.46 -23.84
C ARG B 42 26.80 -2.21 -24.54
N MET B 43 26.00 -1.15 -24.62
CA MET B 43 26.45 0.14 -25.18
C MET B 43 27.62 0.74 -24.38
N ARG B 44 27.52 0.70 -23.06
CA ARG B 44 28.60 1.20 -22.21
C ARG B 44 29.90 0.43 -22.45
N ASN B 45 29.80 -0.90 -22.54
CA ASN B 45 30.96 -1.75 -22.83
C ASN B 45 31.57 -1.45 -24.18
N LEU B 46 30.70 -1.27 -25.18
CA LEU B 46 31.13 -0.96 -26.54
C LEU B 46 31.92 0.35 -26.58
N THR B 47 31.39 1.37 -25.92
CA THR B 47 32.07 2.65 -25.75
C THR B 47 33.47 2.53 -25.10
N GLU B 48 33.54 1.79 -23.98
CA GLU B 48 34.80 1.60 -23.24
C GLU B 48 35.86 0.87 -24.08
N GLU B 49 35.43 -0.17 -24.80
CA GLU B 49 36.32 -0.93 -25.67
C GLU B 49 36.87 -0.07 -26.80
N GLU B 50 36.02 0.79 -27.35
CA GLU B 50 36.46 1.67 -28.43
C GLU B 50 37.37 2.77 -27.94
N ARG B 51 37.13 3.26 -26.73
CA ARG B 51 38.04 4.20 -26.09
C ARG B 51 39.44 3.60 -25.96
N ARG B 52 39.55 2.41 -25.33
CA ARG B 52 40.86 1.75 -25.20
C ARG B 52 41.52 1.48 -26.56
N ALA B 53 40.72 1.05 -27.53
CA ALA B 53 41.20 0.83 -28.89
C ALA B 53 41.78 2.11 -29.49
N GLU B 54 41.09 3.23 -29.30
CA GLU B 54 41.55 4.53 -29.78
C GLU B 54 42.91 4.89 -29.23
N LEU B 55 43.08 4.73 -27.91
CA LEU B 55 44.33 5.08 -27.24
C LEU B 55 45.51 4.21 -27.69
N ARG B 56 45.29 2.91 -27.82
CA ARG B 56 46.32 2.03 -28.31
C ARG B 56 46.68 2.39 -29.75
N ALA B 57 45.68 2.74 -30.53
CA ALA B 57 45.86 3.03 -31.96
C ALA B 57 46.62 4.32 -32.23
N ASN B 58 46.25 5.41 -31.57
CA ASN B 58 46.82 6.72 -31.88
C ASN B 58 47.87 7.20 -30.88
#